data_8PAU
#
_entry.id   8PAU
#
_cell.length_a   60.983
_cell.length_b   99.904
_cell.length_c   61.101
_cell.angle_alpha   90.00
_cell.angle_beta   101.94
_cell.angle_gamma   90.00
#
_symmetry.space_group_name_H-M   'P 1 21 1'
#
loop_
_entity.id
_entity.type
_entity.pdbx_description
1 polymer 'Mitogen-activated protein kinase kinase kinase kinase 1'
2 non-polymer [(5~{R})-2-[[3,5-bis(fluoranyl)-4-[[3-(trifluoromethyl)-1~{H}-pyrrolo[2,3-b]pyridin-4-yl]oxy]phenyl]amino]-5-fluoranyl-4,6-dihydro-1,3-oxazin-5-yl]methanol
3 water water
#
_entity_poly.entity_id   1
_entity_poly.type   'polypeptide(L)'
_entity_poly.pdbx_seq_one_letter_code
;DIFNRDPRDHYDLLQRLGGGTYGEVFKARDKVSGDLVALKMVKMEPDDDVSTLQKEILILKTCRHANIVAYHGSYLWLQK
LWICMEFCGAGSLQDIYQVTGSLSELQISYVCREVLQGLAYLHSQKKIHRDIKGANILINDAGEVRLADFGISAQIGATL
ARRLSFIGTPYWMAPEVAAVALKGGYNELCDIWSLGITAIELAELQPPLFDVHPLRVLFLMTKSGYQPPRLKEKGKWSAA
FHNFIKVTLTKSPKKRPSATKMLSHQLVSQPGLNRGLILDLLDKLKNP
;
_entity_poly.pdbx_strand_id   A,B
#
# COMPACT_ATOMS: atom_id res chain seq x y z
N ASP A 1 12.79 23.53 7.76
CA ASP A 1 13.52 24.51 6.89
C ASP A 1 14.59 23.74 6.09
N ILE A 2 14.62 23.96 4.77
CA ILE A 2 15.55 23.31 3.77
C ILE A 2 16.52 24.37 3.21
N PHE A 3 17.83 24.09 3.25
CA PHE A 3 18.91 24.97 2.72
C PHE A 3 19.21 24.58 1.27
N ASN A 4 19.32 25.56 0.37
CA ASN A 4 19.52 25.36 -1.10
C ASN A 4 20.98 25.66 -1.47
N ARG A 5 21.88 24.70 -1.30
CA ARG A 5 23.36 24.88 -1.42
C ARG A 5 24.00 23.51 -1.65
N ASP A 6 25.16 23.42 -2.33
CA ASP A 6 25.90 22.14 -2.41
C ASP A 6 26.34 21.81 -0.99
N PRO A 7 25.87 20.68 -0.42
CA PRO A 7 26.25 20.30 0.93
C PRO A 7 27.68 19.71 0.98
N ARG A 8 28.28 19.43 -0.19
CA ARG A 8 29.68 18.95 -0.34
C ARG A 8 30.66 20.08 0.04
N ASP A 9 30.22 21.33 0.05
CA ASP A 9 30.90 22.48 0.72
C ASP A 9 31.01 22.17 2.23
N HIS A 10 29.89 22.24 2.95
CA HIS A 10 29.74 22.22 4.44
C HIS A 10 30.42 20.98 5.04
N TYR A 11 30.25 19.83 4.38
CA TYR A 11 30.58 18.46 4.89
C TYR A 11 31.60 17.81 3.95
N ASP A 12 32.58 17.12 4.53
CA ASP A 12 33.41 16.11 3.82
C ASP A 12 32.73 14.75 4.07
N LEU A 13 32.54 13.98 3.00
CA LEU A 13 31.96 12.61 3.06
C LEU A 13 33.10 11.62 3.32
N LEU A 14 33.01 10.82 4.39
CA LEU A 14 34.16 10.05 4.91
C LEU A 14 34.04 8.57 4.56
N GLN A 15 32.83 8.01 4.53
CA GLN A 15 32.63 6.56 4.27
C GLN A 15 31.18 6.31 3.87
N ARG A 16 30.97 5.41 2.91
CA ARG A 16 29.61 4.98 2.48
C ARG A 16 29.13 3.87 3.42
N LEU A 17 27.98 4.08 4.09
CA LEU A 17 27.40 3.17 5.11
C LEU A 17 26.21 2.40 4.52
N GLY A 18 25.39 3.08 3.73
CA GLY A 18 24.09 2.57 3.25
C GLY A 18 24.25 1.33 2.37
N GLY A 19 23.17 0.56 2.25
CA GLY A 19 23.11 -0.68 1.45
C GLY A 19 21.75 -0.87 0.82
N GLY A 20 21.06 -1.96 1.18
CA GLY A 20 19.74 -2.31 0.60
C GLY A 20 18.65 -1.39 1.11
N THR A 21 18.24 -1.59 2.38
CA THR A 21 17.04 -0.99 3.02
C THR A 21 17.28 0.48 3.42
N TYR A 22 18.53 0.89 3.68
CA TYR A 22 18.89 2.27 4.13
C TYR A 22 19.18 3.14 2.88
N GLY A 23 19.53 2.49 1.77
CA GLY A 23 19.80 3.11 0.46
C GLY A 23 21.21 3.66 0.39
N GLU A 24 21.34 5.00 0.35
CA GLU A 24 22.63 5.74 0.33
C GLU A 24 22.69 6.63 1.57
N VAL A 25 23.53 6.23 2.53
CA VAL A 25 23.82 6.99 3.77
C VAL A 25 25.34 7.06 3.90
N PHE A 26 25.85 8.25 4.16
CA PHE A 26 27.29 8.57 4.22
C PHE A 26 27.62 9.00 5.64
N LYS A 27 28.71 8.46 6.18
CA LYS A 27 29.42 9.04 7.34
C LYS A 27 30.15 10.29 6.82
N ALA A 28 30.09 11.39 7.56
CA ALA A 28 30.60 12.71 7.12
C ALA A 28 30.99 13.54 8.34
N ARG A 29 32.02 14.38 8.16
CA ARG A 29 32.47 15.40 9.17
C ARG A 29 31.97 16.79 8.74
N ASP A 30 31.37 17.52 9.68
CA ASP A 30 30.94 18.93 9.55
C ASP A 30 32.19 19.83 9.52
N LYS A 31 32.40 20.62 8.46
CA LYS A 31 33.61 21.48 8.32
C LYS A 31 33.65 22.55 9.43
N VAL A 32 32.49 22.99 9.93
CA VAL A 32 32.34 24.08 10.95
C VAL A 32 32.45 23.49 12.36
N SER A 33 31.52 22.61 12.72
CA SER A 33 31.46 21.87 14.01
C SER A 33 32.74 21.04 14.24
N GLY A 34 33.34 20.51 13.17
CA GLY A 34 34.34 19.42 13.24
C GLY A 34 33.68 18.11 13.66
N ASP A 35 32.34 18.12 13.77
CA ASP A 35 31.51 17.02 14.32
C ASP A 35 31.23 16.01 13.23
N LEU A 36 30.86 14.78 13.64
CA LEU A 36 30.51 13.64 12.76
C LEU A 36 28.99 13.64 12.53
N VAL A 37 28.58 13.58 11.27
CA VAL A 37 27.14 13.52 10.90
C VAL A 37 26.92 12.31 10.00
N ALA A 38 25.69 11.80 9.98
CA ALA A 38 25.21 10.88 8.93
C ALA A 38 24.45 11.72 7.89
N LEU A 39 24.89 11.71 6.63
CA LEU A 39 24.17 12.31 5.49
C LEU A 39 23.44 11.22 4.72
N LYS A 40 22.10 11.20 4.76
CA LYS A 40 21.29 10.28 3.90
C LYS A 40 20.96 10.97 2.59
N MET A 41 21.49 10.49 1.47
CA MET A 41 21.26 11.10 0.12
C MET A 41 20.01 10.48 -0.51
N VAL A 42 19.00 11.30 -0.82
CA VAL A 42 17.75 10.87 -1.50
C VAL A 42 17.87 11.19 -2.99
N LYS A 43 17.60 10.21 -3.85
CA LYS A 43 17.50 10.39 -5.33
C LYS A 43 16.12 10.98 -5.64
N MET A 44 16.03 11.98 -6.51
CA MET A 44 14.72 12.62 -6.80
C MET A 44 14.49 12.69 -8.30
N GLU A 45 13.35 12.15 -8.74
CA GLU A 45 12.91 12.12 -10.16
C GLU A 45 12.17 13.41 -10.49
N PRO A 46 12.21 13.89 -11.76
CA PRO A 46 11.56 15.15 -12.14
C PRO A 46 10.14 15.28 -11.56
N ASP A 47 9.29 14.27 -11.74
CA ASP A 47 7.82 14.35 -11.44
C ASP A 47 7.58 14.04 -9.95
N ASP A 48 8.61 13.66 -9.19
CA ASP A 48 8.61 13.72 -7.70
C ASP A 48 8.35 15.17 -7.30
N ASP A 49 7.27 15.44 -6.58
CA ASP A 49 6.95 16.83 -6.16
C ASP A 49 7.70 17.11 -4.87
N VAL A 50 8.46 18.20 -4.88
CA VAL A 50 9.30 18.69 -3.78
C VAL A 50 8.38 19.14 -2.65
N SER A 51 7.42 20.01 -2.98
CA SER A 51 6.51 20.73 -2.03
C SER A 51 5.80 19.75 -1.08
N THR A 52 5.66 18.48 -1.47
CA THR A 52 4.94 17.42 -0.71
C THR A 52 5.87 16.85 0.37
N LEU A 53 7.18 16.82 0.13
CA LEU A 53 8.22 16.36 1.11
C LEU A 53 8.45 17.42 2.19
N GLN A 54 8.41 18.71 1.83
CA GLN A 54 8.56 19.85 2.77
C GLN A 54 7.58 19.70 3.95
N LYS A 55 6.39 19.11 3.69
CA LYS A 55 5.36 18.79 4.73
C LYS A 55 5.86 17.67 5.67
N GLU A 56 6.67 16.72 5.18
CA GLU A 56 7.21 15.56 5.95
C GLU A 56 8.51 15.94 6.68
N ILE A 57 9.12 17.09 6.34
CA ILE A 57 10.43 17.57 6.89
C ILE A 57 10.18 18.32 8.21
N LEU A 58 9.11 19.11 8.27
CA LEU A 58 8.66 19.79 9.50
C LEU A 58 8.71 18.77 10.64
N ILE A 59 8.05 17.62 10.44
CA ILE A 59 7.90 16.50 11.42
C ILE A 59 9.29 16.10 11.95
N LEU A 60 10.28 15.99 11.06
CA LEU A 60 11.66 15.53 11.40
C LEU A 60 12.36 16.60 12.22
N LYS A 61 12.18 17.89 11.89
CA LYS A 61 12.90 19.03 12.52
C LYS A 61 12.42 19.21 13.95
N THR A 62 11.11 19.35 14.14
CA THR A 62 10.47 19.61 15.45
C THR A 62 10.39 18.33 16.30
N CYS A 63 11.05 17.24 15.90
CA CYS A 63 11.31 16.03 16.74
C CYS A 63 12.63 16.21 17.49
N ARG A 64 12.53 16.62 18.76
CA ARG A 64 13.67 16.92 19.65
C ARG A 64 13.57 16.01 20.88
N HIS A 65 14.29 14.88 20.87
CA HIS A 65 14.41 13.95 22.03
C HIS A 65 15.72 13.19 21.88
N ALA A 66 16.37 12.93 23.01
CA ALA A 66 17.64 12.18 23.12
C ALA A 66 17.47 10.82 22.45
N ASN A 67 16.30 10.19 22.60
CA ASN A 67 16.07 8.79 22.17
C ASN A 67 15.62 8.75 20.71
N ILE A 68 15.67 9.87 19.99
CA ILE A 68 15.33 9.97 18.53
C ILE A 68 16.52 10.57 17.78
N VAL A 69 16.81 10.03 16.60
CA VAL A 69 17.96 10.49 15.79
C VAL A 69 17.74 11.98 15.48
N ALA A 70 18.63 12.86 15.97
CA ALA A 70 18.46 14.33 15.87
C ALA A 70 18.59 14.75 14.39
N TYR A 71 17.68 15.62 13.93
CA TYR A 71 17.69 16.24 12.58
C TYR A 71 18.52 17.54 12.63
N HIS A 72 19.39 17.75 11.65
CA HIS A 72 20.29 18.94 11.62
C HIS A 72 19.91 19.91 10.51
N GLY A 73 19.53 19.40 9.36
CA GLY A 73 19.10 20.24 8.23
C GLY A 73 19.17 19.51 6.92
N SER A 74 18.16 19.72 6.08
CA SER A 74 18.04 19.16 4.71
C SER A 74 18.67 20.13 3.72
N TYR A 75 19.13 19.57 2.61
CA TYR A 75 19.79 20.27 1.48
C TYR A 75 19.25 19.72 0.17
N LEU A 76 18.58 20.57 -0.60
CA LEU A 76 18.28 20.31 -2.04
C LEU A 76 19.47 20.83 -2.84
N TRP A 77 19.88 20.11 -3.89
CA TRP A 77 20.98 20.52 -4.80
C TRP A 77 21.19 19.47 -5.90
N LEU A 78 21.10 19.90 -7.17
CA LEU A 78 21.43 19.12 -8.39
C LEU A 78 20.52 17.87 -8.45
N GLN A 79 19.22 18.05 -8.14
CA GLN A 79 18.17 16.99 -8.16
C GLN A 79 18.48 15.91 -7.11
N LYS A 80 18.97 16.33 -5.94
CA LYS A 80 19.28 15.42 -4.80
C LYS A 80 18.99 16.14 -3.49
N LEU A 81 18.37 15.42 -2.56
CA LEU A 81 18.04 15.89 -1.20
C LEU A 81 18.91 15.14 -0.18
N TRP A 82 19.85 15.84 0.46
CA TRP A 82 20.75 15.30 1.52
C TRP A 82 20.19 15.66 2.90
N ILE A 83 19.82 14.65 3.69
CA ILE A 83 19.33 14.83 5.10
C ILE A 83 20.50 14.58 6.05
N CYS A 84 20.84 15.60 6.85
CA CYS A 84 21.91 15.57 7.86
C CYS A 84 21.31 15.14 9.21
N MET A 85 22.01 14.22 9.88
CA MET A 85 21.49 13.45 11.04
C MET A 85 22.61 13.11 12.02
N GLU A 86 22.26 13.08 13.31
CA GLU A 86 23.07 12.45 14.38
C GLU A 86 23.72 11.17 13.83
N PHE A 87 25.02 10.97 14.03
CA PHE A 87 25.72 9.71 13.69
C PHE A 87 25.58 8.69 14.83
N CYS A 88 25.37 7.43 14.45
CA CYS A 88 25.27 6.26 15.37
C CYS A 88 26.20 5.18 14.82
N GLY A 89 27.40 5.08 15.42
CA GLY A 89 28.58 4.38 14.87
C GLY A 89 28.40 2.86 14.78
N ALA A 90 27.58 2.25 15.66
CA ALA A 90 27.38 0.79 15.71
C ALA A 90 26.24 0.37 14.77
N GLY A 91 25.79 1.27 13.87
CA GLY A 91 24.64 1.02 13.01
C GLY A 91 23.45 0.61 13.87
N SER A 92 22.66 -0.38 13.41
CA SER A 92 21.38 -0.82 14.02
C SER A 92 21.58 -2.06 14.89
N LEU A 93 20.64 -2.32 15.81
CA LEU A 93 20.64 -3.52 16.65
C LEU A 93 20.73 -4.76 15.75
N GLN A 94 20.07 -4.75 14.59
CA GLN A 94 20.10 -5.88 13.65
C GLN A 94 21.53 -6.11 13.17
N ASP A 95 22.23 -5.06 12.75
CA ASP A 95 23.66 -5.19 12.37
C ASP A 95 24.42 -5.90 13.48
N ILE A 96 24.14 -5.45 14.71
CA ILE A 96 24.82 -5.93 15.94
C ILE A 96 24.51 -7.43 16.11
N TYR A 97 23.25 -7.81 16.31
CA TYR A 97 22.88 -9.16 16.80
C TYR A 97 23.13 -10.25 15.74
N GLN A 98 23.26 -9.87 14.48
CA GLN A 98 23.60 -10.80 13.39
C GLN A 98 25.04 -11.25 13.56
N VAL A 99 25.86 -10.44 14.23
CA VAL A 99 27.27 -10.80 14.59
C VAL A 99 27.32 -11.40 16.00
N THR A 100 26.71 -10.73 16.99
CA THR A 100 26.88 -11.05 18.42
C THR A 100 25.98 -12.22 18.85
N GLY A 101 25.04 -12.62 18.01
CA GLY A 101 23.94 -13.51 18.45
C GLY A 101 22.97 -12.79 19.37
N SER A 102 22.12 -13.55 20.07
CA SER A 102 20.93 -13.07 20.82
C SER A 102 21.37 -12.05 21.84
N LEU A 103 20.53 -11.05 22.11
CA LEU A 103 20.74 -10.12 23.24
C LEU A 103 20.27 -10.77 24.55
N SER A 104 20.80 -10.31 25.70
CA SER A 104 20.47 -10.82 27.05
C SER A 104 19.14 -10.23 27.52
N GLU A 105 18.46 -10.84 28.49
CA GLU A 105 17.20 -10.28 29.01
C GLU A 105 17.40 -8.81 29.45
N LEU A 106 18.57 -8.46 29.99
CA LEU A 106 18.82 -7.10 30.57
C LEU A 106 19.21 -6.10 29.46
N GLN A 107 20.05 -6.53 28.53
CA GLN A 107 20.32 -5.76 27.31
C GLN A 107 19.00 -5.36 26.64
N ILE A 108 18.10 -6.32 26.40
CA ILE A 108 16.83 -6.11 25.64
C ILE A 108 16.00 -5.11 26.45
N SER A 109 15.99 -5.24 27.77
CA SER A 109 15.21 -4.38 28.70
C SER A 109 15.62 -2.91 28.56
N TYR A 110 16.91 -2.58 28.53
CA TYR A 110 17.36 -1.17 28.44
C TYR A 110 16.94 -0.62 27.07
N VAL A 111 17.10 -1.41 26.01
CA VAL A 111 16.64 -1.08 24.63
C VAL A 111 15.12 -0.82 24.65
N CYS A 112 14.34 -1.68 25.29
CA CYS A 112 12.87 -1.50 25.42
C CYS A 112 12.50 -0.21 26.18
N ARG A 113 13.33 0.31 27.06
CA ARG A 113 12.96 1.51 27.86
C ARG A 113 13.31 2.77 27.04
N GLU A 114 14.43 2.72 26.32
CA GLU A 114 14.97 3.87 25.55
C GLU A 114 13.99 4.13 24.38
N VAL A 115 13.65 3.07 23.66
CA VAL A 115 12.58 3.08 22.62
C VAL A 115 11.29 3.68 23.20
N LEU A 116 10.77 3.14 24.31
CA LEU A 116 9.49 3.65 24.90
C LEU A 116 9.60 5.15 25.19
N GLN A 117 10.78 5.61 25.67
CA GLN A 117 11.12 7.04 25.96
C GLN A 117 10.91 7.87 24.68
N GLY A 118 11.46 7.41 23.55
CA GLY A 118 11.23 7.98 22.20
C GLY A 118 9.78 7.89 21.71
N LEU A 119 9.13 6.73 21.81
CA LEU A 119 7.72 6.61 21.40
C LEU A 119 6.85 7.51 22.28
N ALA A 120 7.13 7.60 23.59
CA ALA A 120 6.24 8.32 24.50
C ALA A 120 6.22 9.78 24.08
N TYR A 121 7.37 10.26 23.58
CA TYR A 121 7.58 11.68 23.16
C TYR A 121 6.90 11.89 21.80
N LEU A 122 7.25 11.06 20.82
CA LEU A 122 6.59 11.01 19.50
C LEU A 122 5.09 11.12 19.72
N HIS A 123 4.52 10.15 20.46
CA HIS A 123 3.04 10.09 20.64
C HIS A 123 2.59 11.44 21.20
N SER A 124 3.17 11.95 22.28
CA SER A 124 2.76 13.25 22.87
C SER A 124 2.63 14.32 21.76
N GLN A 125 3.45 14.25 20.71
CA GLN A 125 3.38 15.13 19.50
C GLN A 125 2.36 14.59 18.47
N LYS A 126 1.56 13.59 18.83
CA LYS A 126 0.54 12.91 17.97
C LYS A 126 1.19 12.37 16.69
N LYS A 127 2.42 11.89 16.79
CA LYS A 127 3.17 11.24 15.69
C LYS A 127 3.19 9.73 15.95
N ILE A 128 3.36 8.91 14.90
CA ILE A 128 3.42 7.41 14.92
C ILE A 128 4.57 6.93 14.03
N HIS A 129 5.51 6.18 14.60
CA HIS A 129 6.78 5.75 13.94
C HIS A 129 6.45 4.90 12.71
N ARG A 130 5.60 3.89 12.91
CA ARG A 130 5.01 2.92 11.94
C ARG A 130 5.95 1.73 11.62
N ASP A 131 7.21 1.79 12.05
CA ASP A 131 8.24 0.81 11.63
C ASP A 131 9.26 0.58 12.77
N ILE A 132 8.77 0.31 13.99
CA ILE A 132 9.64 -0.23 15.07
C ILE A 132 10.05 -1.67 14.71
N LYS A 133 11.37 -1.85 14.54
CA LYS A 133 12.09 -3.13 14.45
C LYS A 133 13.58 -2.94 14.78
N GLY A 134 14.31 -4.05 14.87
CA GLY A 134 15.78 -4.03 15.06
C GLY A 134 16.46 -3.13 14.04
N ALA A 135 16.04 -3.15 12.78
CA ALA A 135 16.75 -2.46 11.69
C ALA A 135 16.66 -0.93 11.85
N ASN A 136 15.71 -0.45 12.65
CA ASN A 136 15.43 1.00 12.79
C ASN A 136 15.75 1.49 14.23
N ILE A 137 16.42 0.67 15.04
CA ILE A 137 16.94 1.08 16.38
C ILE A 137 18.46 1.12 16.24
N LEU A 138 19.03 2.32 16.32
CA LEU A 138 20.48 2.58 16.07
C LEU A 138 21.19 2.79 17.40
N ILE A 139 22.50 2.60 17.38
CA ILE A 139 23.34 2.51 18.59
C ILE A 139 24.57 3.39 18.37
N ASN A 140 24.90 4.29 19.29
CA ASN A 140 26.14 5.12 19.19
C ASN A 140 27.29 4.45 19.93
N ASP A 141 28.51 4.88 19.66
CA ASP A 141 29.70 4.25 20.25
C ASP A 141 29.61 4.30 21.79
N ALA A 142 28.82 5.22 22.36
CA ALA A 142 28.49 5.31 23.81
C ALA A 142 27.54 4.20 24.24
N GLY A 143 26.93 3.49 23.29
CA GLY A 143 25.91 2.47 23.59
C GLY A 143 24.59 3.08 24.03
N GLU A 144 24.30 4.30 23.60
CA GLU A 144 22.96 4.90 23.75
C GLU A 144 22.10 4.52 22.53
N VAL A 145 20.79 4.58 22.74
CA VAL A 145 19.76 4.05 21.78
C VAL A 145 19.03 5.24 21.13
N ARG A 146 18.79 5.14 19.82
CA ARG A 146 18.25 6.24 18.98
C ARG A 146 17.33 5.62 17.93
N LEU A 147 16.01 5.90 18.01
CA LEU A 147 15.00 5.55 16.96
C LEU A 147 15.29 6.30 15.65
N ALA A 148 15.50 5.59 14.55
CA ALA A 148 15.61 6.19 13.21
C ALA A 148 14.19 6.33 12.65
N ASP A 149 13.74 7.57 12.44
CA ASP A 149 12.52 7.90 11.64
C ASP A 149 12.99 8.25 10.22
N PHE A 150 12.24 7.79 9.22
CA PHE A 150 12.49 8.03 7.77
C PHE A 150 11.37 8.99 7.28
N GLY A 151 11.58 9.68 6.14
CA GLY A 151 10.62 10.66 5.58
C GLY A 151 11.33 11.82 4.90
N LEU A 164 4.77 2.96 -3.75
CA LEU A 164 3.43 3.16 -3.14
C LEU A 164 2.38 3.39 -4.24
N SER A 165 2.72 4.09 -5.32
CA SER A 165 1.79 4.49 -6.40
C SER A 165 1.03 3.26 -6.93
N PHE A 166 1.50 2.05 -6.62
CA PHE A 166 0.85 0.75 -6.95
C PHE A 166 0.06 0.21 -5.74
N ILE A 167 -0.58 1.11 -4.97
CA ILE A 167 -1.77 0.82 -4.10
C ILE A 167 -3.05 1.03 -4.92
N GLY A 168 -2.87 1.50 -6.16
CA GLY A 168 -3.91 2.01 -7.07
C GLY A 168 -3.52 3.39 -7.56
N THR A 169 -4.19 3.90 -8.60
CA THR A 169 -4.16 5.33 -8.96
C THR A 169 -5.27 6.01 -8.16
N PRO A 170 -4.90 7.14 -7.50
CA PRO A 170 -5.81 7.83 -6.58
C PRO A 170 -6.99 8.57 -7.21
N TYR A 171 -6.87 8.97 -8.48
CA TYR A 171 -7.83 9.87 -9.17
C TYR A 171 -9.26 9.33 -9.08
N TRP A 172 -9.41 8.02 -9.22
CA TRP A 172 -10.70 7.30 -9.05
C TRP A 172 -10.95 6.88 -7.59
N MET A 173 -9.95 6.74 -6.72
CA MET A 173 -10.20 6.34 -5.30
C MET A 173 -11.21 7.27 -4.61
N ALA A 174 -12.28 6.75 -4.00
CA ALA A 174 -13.22 7.54 -3.13
C ALA A 174 -12.50 8.10 -1.90
N PRO A 175 -12.99 9.16 -1.23
CA PRO A 175 -12.19 9.86 -0.23
C PRO A 175 -11.81 8.94 0.95
N GLU A 176 -12.76 8.19 1.54
CA GLU A 176 -12.50 7.23 2.66
C GLU A 176 -11.35 6.30 2.25
N VAL A 177 -11.32 5.82 1.01
CA VAL A 177 -10.24 4.94 0.47
C VAL A 177 -8.92 5.70 0.50
N ALA A 178 -8.93 6.98 0.13
CA ALA A 178 -7.71 7.83 0.10
C ALA A 178 -7.22 8.07 1.53
N ALA A 179 -8.14 8.17 2.48
CA ALA A 179 -7.88 8.43 3.92
C ALA A 179 -7.01 7.29 4.47
N VAL A 180 -7.26 6.06 4.02
CA VAL A 180 -6.50 4.87 4.46
C VAL A 180 -5.18 4.80 3.70
N ALA A 181 -5.13 5.11 2.41
CA ALA A 181 -3.86 5.02 1.65
C ALA A 181 -2.79 5.90 2.31
N LEU A 182 -3.15 7.02 2.95
CA LEU A 182 -2.17 7.90 3.63
C LEU A 182 -1.95 7.39 5.06
N LYS A 183 -3.04 7.16 5.80
CA LYS A 183 -2.98 6.90 7.26
C LYS A 183 -2.76 5.41 7.56
N GLY A 184 -3.07 4.49 6.66
CA GLY A 184 -3.23 3.07 7.03
C GLY A 184 -4.21 2.97 8.18
N GLY A 185 -4.25 1.84 8.88
CA GLY A 185 -5.12 1.70 10.08
C GLY A 185 -4.33 2.01 11.34
N TYR A 186 -3.02 2.25 11.14
CA TYR A 186 -2.04 2.66 12.17
C TYR A 186 -2.68 3.56 13.24
N ASN A 187 -2.27 3.30 14.48
CA ASN A 187 -2.74 3.93 15.74
C ASN A 187 -1.47 4.12 16.57
N GLU A 188 -1.40 5.12 17.44
CA GLU A 188 -0.21 5.31 18.33
C GLU A 188 0.18 3.96 18.98
N LEU A 189 -0.80 3.13 19.33
CA LEU A 189 -0.57 1.86 20.09
C LEU A 189 -0.06 0.77 19.17
N CYS A 190 -0.04 0.97 17.87
CA CYS A 190 0.49 -0.07 16.97
C CYS A 190 2.02 -0.10 17.12
N ASP A 191 2.64 1.03 17.51
CA ASP A 191 4.11 1.15 17.76
C ASP A 191 4.52 0.28 18.97
N ILE A 192 3.68 0.23 20.01
CA ILE A 192 3.82 -0.66 21.19
C ILE A 192 3.85 -2.13 20.73
N TRP A 193 2.79 -2.60 20.07
CA TRP A 193 2.85 -3.95 19.46
C TRP A 193 4.24 -4.15 18.87
N SER A 194 4.61 -3.36 17.86
CA SER A 194 5.89 -3.58 17.13
C SER A 194 7.05 -3.70 18.11
N LEU A 195 6.96 -3.06 19.26
CA LEU A 195 8.11 -3.16 20.17
C LEU A 195 8.15 -4.63 20.65
N GLY A 196 7.07 -5.13 21.25
CA GLY A 196 6.91 -6.56 21.63
C GLY A 196 7.51 -7.55 20.62
N ILE A 197 7.22 -7.39 19.33
CA ILE A 197 7.80 -8.25 18.26
C ILE A 197 9.31 -8.03 18.27
N THR A 198 9.74 -6.78 18.39
CA THR A 198 11.15 -6.35 18.31
C THR A 198 11.92 -6.98 19.47
N ALA A 199 11.30 -7.05 20.65
CA ALA A 199 11.90 -7.61 21.88
C ALA A 199 12.20 -9.09 21.63
N ILE A 200 11.21 -9.79 21.04
CA ILE A 200 11.34 -11.21 20.62
C ILE A 200 12.45 -11.26 19.57
N GLU A 201 12.48 -10.33 18.64
CA GLU A 201 13.49 -10.30 17.55
C GLU A 201 14.87 -10.25 18.19
N LEU A 202 15.00 -9.42 19.21
CA LEU A 202 16.29 -9.27 19.90
C LEU A 202 16.61 -10.58 20.62
N ALA A 203 15.61 -11.24 21.20
CA ALA A 203 15.78 -12.48 22.00
C ALA A 203 16.13 -13.67 21.10
N GLU A 204 15.54 -13.77 19.91
CA GLU A 204 15.45 -15.02 19.12
C GLU A 204 16.15 -14.90 17.77
N LEU A 205 16.49 -13.70 17.27
CA LEU A 205 17.30 -13.45 16.04
C LEU A 205 16.41 -13.28 14.82
N GLN A 206 15.09 -13.24 15.04
CA GLN A 206 14.05 -13.23 13.99
C GLN A 206 12.74 -13.03 14.71
N PRO A 207 11.75 -12.36 14.06
CA PRO A 207 10.44 -12.15 14.68
C PRO A 207 9.65 -13.43 14.46
N PRO A 208 8.56 -13.63 15.24
CA PRO A 208 7.65 -14.72 14.96
C PRO A 208 7.29 -14.75 13.47
N LEU A 209 7.18 -15.97 12.96
CA LEU A 209 6.60 -16.29 11.64
C LEU A 209 7.52 -15.80 10.51
N PHE A 210 8.81 -15.53 10.79
CA PHE A 210 9.75 -15.12 9.70
C PHE A 210 9.78 -16.17 8.58
N ASP A 211 9.63 -17.47 8.91
CA ASP A 211 9.77 -18.66 7.99
C ASP A 211 8.47 -18.91 7.17
N VAL A 212 7.47 -18.06 7.38
CA VAL A 212 6.11 -18.04 6.78
C VAL A 212 6.07 -16.90 5.78
N HIS A 213 5.52 -17.13 4.59
CA HIS A 213 5.22 -16.10 3.58
C HIS A 213 4.54 -14.93 4.29
N PRO A 214 4.92 -13.68 3.92
CA PRO A 214 4.29 -12.46 4.42
C PRO A 214 2.76 -12.30 4.23
N LEU A 215 2.25 -12.59 3.04
CA LEU A 215 0.79 -12.55 2.76
C LEU A 215 0.06 -13.46 3.77
N ARG A 216 0.58 -14.68 3.94
CA ARG A 216 -0.03 -15.68 4.85
C ARG A 216 0.00 -15.13 6.27
N VAL A 217 1.10 -14.49 6.65
CA VAL A 217 1.20 -13.88 8.01
C VAL A 217 0.15 -12.78 8.14
N LEU A 218 -0.13 -12.05 7.03
CA LEU A 218 -1.18 -11.00 7.01
C LEU A 218 -2.58 -11.61 7.15
N PHE A 219 -2.94 -12.60 6.33
CA PHE A 219 -4.22 -13.34 6.49
C PHE A 219 -4.34 -13.81 7.96
N LEU A 220 -3.32 -14.55 8.43
CA LEU A 220 -3.41 -15.28 9.72
C LEU A 220 -3.76 -14.32 10.84
N MET A 221 -3.16 -13.12 10.83
CA MET A 221 -3.35 -12.06 11.85
C MET A 221 -4.80 -11.54 11.87
N THR A 222 -5.44 -11.49 10.69
CA THR A 222 -6.82 -10.96 10.49
C THR A 222 -7.86 -12.06 10.71
N LYS A 223 -7.45 -13.27 11.09
CA LYS A 223 -8.43 -14.32 11.46
C LYS A 223 -8.92 -14.02 12.86
N SER A 224 -10.19 -14.30 13.11
CA SER A 224 -10.86 -14.13 14.41
C SER A 224 -10.04 -14.84 15.49
N GLY A 225 -9.51 -16.05 15.18
CA GLY A 225 -8.84 -16.96 16.12
C GLY A 225 -7.36 -16.63 16.38
N TYR A 226 -6.76 -15.70 15.63
CA TYR A 226 -5.32 -15.36 15.71
C TYR A 226 -4.84 -15.20 17.15
N GLN A 227 -3.70 -15.83 17.45
CA GLN A 227 -3.05 -15.92 18.78
C GLN A 227 -1.80 -15.04 18.78
N PRO A 228 -1.75 -13.99 19.63
CA PRO A 228 -0.53 -13.21 19.81
C PRO A 228 0.66 -14.11 20.10
N PRO A 229 1.79 -13.93 19.38
CA PRO A 229 2.97 -14.78 19.56
C PRO A 229 3.70 -14.55 20.89
N ARG A 230 4.65 -15.44 21.16
CA ARG A 230 5.29 -15.61 22.49
C ARG A 230 6.77 -15.96 22.33
N LEU A 231 7.46 -15.94 23.46
CA LEU A 231 8.86 -16.38 23.56
C LEU A 231 8.91 -17.93 23.52
N LYS A 232 9.79 -18.48 22.67
CA LYS A 232 9.95 -19.94 22.45
C LYS A 232 10.18 -20.57 23.81
N GLU A 233 11.24 -20.15 24.48
CA GLU A 233 11.83 -20.85 25.64
C GLU A 233 11.31 -20.22 26.94
N LYS A 234 10.45 -20.93 27.68
CA LYS A 234 9.79 -20.41 28.90
C LYS A 234 10.85 -20.06 29.95
N GLY A 235 11.67 -21.05 30.30
CA GLY A 235 12.59 -20.99 31.46
C GLY A 235 13.67 -19.94 31.28
N LYS A 236 14.06 -19.70 30.03
CA LYS A 236 15.16 -18.78 29.62
C LYS A 236 14.91 -17.33 30.05
N TRP A 237 13.68 -16.89 30.29
CA TRP A 237 13.33 -15.46 30.56
C TRP A 237 12.53 -15.39 31.87
N SER A 238 12.55 -14.21 32.51
CA SER A 238 11.83 -13.96 33.78
C SER A 238 10.33 -13.94 33.49
N ALA A 239 9.52 -13.92 34.55
CA ALA A 239 8.06 -13.71 34.50
C ALA A 239 7.82 -12.29 33.93
N ALA A 240 8.65 -11.34 34.34
CA ALA A 240 8.62 -9.95 33.86
C ALA A 240 8.64 -9.96 32.32
N PHE A 241 9.69 -10.51 31.70
CA PHE A 241 9.89 -10.40 30.22
C PHE A 241 8.71 -11.07 29.53
N HIS A 242 8.26 -12.19 30.09
CA HIS A 242 7.06 -12.89 29.61
C HIS A 242 5.88 -11.92 29.65
N ASN A 243 5.67 -11.20 30.76
CA ASN A 243 4.46 -10.34 30.94
C ASN A 243 4.56 -9.11 30.01
N PHE A 244 5.76 -8.60 29.81
CA PHE A 244 6.06 -7.51 28.85
C PHE A 244 5.62 -7.93 27.44
N ILE A 245 5.99 -9.13 26.98
CA ILE A 245 5.52 -9.68 25.67
C ILE A 245 3.99 -9.83 25.68
N LYS A 246 3.41 -10.44 26.71
CA LYS A 246 1.96 -10.71 26.78
C LYS A 246 1.18 -9.41 26.59
N VAL A 247 1.62 -8.36 27.27
CA VAL A 247 0.89 -7.07 27.46
C VAL A 247 1.06 -6.20 26.19
N THR A 248 2.30 -6.03 25.69
CA THR A 248 2.63 -5.23 24.48
C THR A 248 1.91 -5.80 23.26
N LEU A 249 1.92 -7.13 23.11
CA LEU A 249 1.19 -7.85 22.04
C LEU A 249 -0.22 -8.17 22.52
N THR A 250 -1.00 -7.23 23.11
CA THR A 250 -2.46 -7.47 23.27
C THR A 250 -3.13 -7.23 21.92
N LYS A 251 -4.06 -8.11 21.55
CA LYS A 251 -4.68 -8.14 20.19
C LYS A 251 -5.44 -6.84 19.98
N SER A 252 -6.31 -6.48 20.91
CA SER A 252 -7.26 -5.35 20.82
C SER A 252 -6.56 -4.01 21.12
N PRO A 253 -6.40 -3.06 20.18
CA PRO A 253 -5.71 -1.81 20.48
C PRO A 253 -6.45 -0.98 21.53
N LYS A 254 -7.75 -1.23 21.69
CA LYS A 254 -8.59 -0.64 22.73
C LYS A 254 -8.03 -0.99 24.11
N LYS A 255 -7.30 -2.11 24.25
CA LYS A 255 -6.77 -2.67 25.54
C LYS A 255 -5.24 -2.67 25.61
N ARG A 256 -4.54 -2.30 24.52
CA ARG A 256 -3.06 -2.30 24.47
C ARG A 256 -2.53 -1.08 25.20
N PRO A 257 -1.62 -1.23 26.18
CA PRO A 257 -1.16 -0.09 26.97
C PRO A 257 -0.30 0.91 26.19
N SER A 258 -0.41 2.20 26.53
CA SER A 258 0.44 3.29 26.01
C SER A 258 1.88 3.15 26.49
N ALA A 259 2.76 3.90 25.83
CA ALA A 259 4.22 3.89 26.05
C ALA A 259 4.52 4.43 27.46
N THR A 260 3.82 5.44 27.94
CA THR A 260 4.03 5.89 29.33
C THR A 260 3.62 4.72 30.21
N LYS A 261 2.45 4.14 30.01
CA LYS A 261 2.03 3.01 30.89
C LYS A 261 3.15 1.96 30.86
N MET A 262 3.72 1.65 29.68
CA MET A 262 4.76 0.60 29.54
C MET A 262 6.06 1.00 30.26
N LEU A 263 6.41 2.30 30.31
CA LEU A 263 7.60 2.78 31.07
C LEU A 263 7.47 2.45 32.57
N SER A 264 6.27 2.20 33.08
CA SER A 264 6.02 1.78 34.48
C SER A 264 5.85 0.26 34.58
N HIS A 265 6.18 -0.47 33.51
CA HIS A 265 6.31 -1.93 33.61
C HIS A 265 7.61 -2.25 34.35
N GLN A 266 7.62 -3.37 35.07
CA GLN A 266 8.74 -3.84 35.90
C GLN A 266 9.94 -4.19 35.03
N LEU A 267 9.74 -4.60 33.78
CA LEU A 267 10.90 -5.01 32.92
C LEU A 267 11.77 -3.79 32.61
N VAL A 268 11.17 -2.60 32.49
CA VAL A 268 11.87 -1.37 31.98
C VAL A 268 12.12 -0.39 33.14
N SER A 269 11.39 -0.52 34.25
CA SER A 269 11.49 0.38 35.43
C SER A 269 12.49 -0.17 36.45
N GLN A 270 13.07 -1.35 36.23
CA GLN A 270 13.98 -1.98 37.24
C GLN A 270 15.30 -1.20 37.23
N PRO A 271 16.09 -1.26 38.31
CA PRO A 271 17.40 -0.60 38.29
C PRO A 271 18.43 -1.42 37.50
N GLY A 272 19.65 -0.88 37.35
CA GLY A 272 20.76 -1.56 36.66
C GLY A 272 20.62 -1.51 35.14
N LEU A 273 19.59 -0.83 34.61
CA LEU A 273 19.45 -0.63 33.15
C LEU A 273 20.12 0.67 32.76
N ASN A 274 21.07 0.60 31.83
CA ASN A 274 21.91 1.74 31.39
C ASN A 274 22.87 1.26 30.31
N ARG A 275 23.64 2.19 29.75
CA ARG A 275 24.37 2.04 28.46
C ARG A 275 25.52 1.04 28.54
N GLY A 276 26.04 0.75 29.74
CA GLY A 276 27.06 -0.31 29.98
C GLY A 276 26.68 -1.67 29.37
N LEU A 277 25.44 -2.10 29.60
CA LEU A 277 24.87 -3.35 29.00
C LEU A 277 25.16 -3.41 27.50
N ILE A 278 25.05 -2.28 26.78
CA ILE A 278 25.32 -2.19 25.31
C ILE A 278 26.83 -2.10 25.01
N LEU A 279 27.57 -1.36 25.82
CA LEU A 279 29.03 -1.24 25.61
C LEU A 279 29.60 -2.66 25.65
N ASP A 280 29.13 -3.46 26.60
CA ASP A 280 29.30 -4.94 26.61
C ASP A 280 29.05 -5.49 25.20
N LEU A 281 27.84 -5.24 24.71
CA LEU A 281 27.41 -5.72 23.38
C LEU A 281 28.42 -5.28 22.30
N LEU A 282 28.83 -4.02 22.34
CA LEU A 282 29.70 -3.42 21.29
C LEU A 282 31.11 -4.00 21.41
N ASP A 283 31.46 -4.45 22.62
CA ASP A 283 32.76 -5.12 22.88
C ASP A 283 32.62 -6.50 22.28
N LYS A 284 31.53 -7.18 22.59
CA LYS A 284 31.28 -8.56 22.09
C LYS A 284 31.46 -8.58 20.57
N LEU A 285 31.05 -7.51 19.88
CA LEU A 285 31.18 -7.25 18.42
C LEU A 285 32.65 -7.17 17.96
N LYS A 286 33.50 -6.44 18.66
CA LYS A 286 34.95 -6.44 18.34
C LYS A 286 35.56 -7.83 18.58
N ASN A 287 35.32 -8.44 19.75
CA ASN A 287 36.04 -9.66 20.27
C ASN A 287 35.11 -10.89 20.26
N PRO A 288 34.92 -11.58 19.11
CA PRO A 288 34.10 -12.80 19.08
C PRO A 288 34.77 -14.01 19.76
N ASP B 1 -11.08 -23.91 -9.24
CA ASP B 1 -10.35 -25.13 -9.68
C ASP B 1 -9.30 -24.73 -10.74
N ILE B 2 -8.05 -25.18 -10.55
CA ILE B 2 -6.86 -24.95 -11.43
C ILE B 2 -6.45 -26.25 -12.12
N PHE B 3 -6.29 -26.26 -13.44
CA PHE B 3 -5.86 -27.42 -14.27
C PHE B 3 -4.34 -27.38 -14.42
N ASN B 4 -3.65 -28.51 -14.24
CA ASN B 4 -2.16 -28.63 -14.24
C ASN B 4 -1.71 -29.28 -15.55
N ARG B 5 -1.59 -28.50 -16.63
CA ARG B 5 -1.36 -29.03 -18.01
C ARG B 5 -0.79 -27.88 -18.86
N ASP B 6 0.00 -28.16 -19.90
CA ASP B 6 0.43 -27.10 -20.86
C ASP B 6 -0.83 -26.61 -21.55
N PRO B 7 -1.19 -25.32 -21.37
CA PRO B 7 -2.39 -24.78 -22.00
C PRO B 7 -2.17 -24.52 -23.50
N ARG B 8 -0.93 -24.58 -23.98
CA ARG B 8 -0.54 -24.45 -25.41
C ARG B 8 -1.05 -25.66 -26.21
N ASP B 9 -1.37 -26.78 -25.54
CA ASP B 9 -2.20 -27.90 -26.10
C ASP B 9 -3.59 -27.34 -26.47
N HIS B 10 -4.42 -27.05 -25.46
CA HIS B 10 -5.87 -26.70 -25.54
C HIS B 10 -6.13 -25.55 -26.51
N TYR B 11 -5.27 -24.53 -26.47
CA TYR B 11 -5.43 -23.20 -27.11
C TYR B 11 -4.28 -22.96 -28.08
N ASP B 12 -4.59 -22.38 -29.24
CA ASP B 12 -3.61 -21.70 -30.12
C ASP B 12 -3.61 -20.22 -29.74
N LEU B 13 -2.44 -19.64 -29.53
CA LEU B 13 -2.27 -18.18 -29.24
C LEU B 13 -2.19 -17.42 -30.56
N LEU B 14 -3.06 -16.45 -30.78
CA LEU B 14 -3.30 -15.84 -32.12
C LEU B 14 -2.64 -14.46 -32.23
N GLN B 15 -2.58 -13.69 -31.14
CA GLN B 15 -2.18 -12.27 -31.19
C GLN B 15 -1.84 -11.81 -29.77
N ARG B 16 -0.74 -11.06 -29.62
CA ARG B 16 -0.36 -10.46 -28.32
C ARG B 16 -1.10 -9.13 -28.17
N LEU B 17 -1.91 -8.97 -27.10
CA LEU B 17 -2.77 -7.79 -26.84
C LEU B 17 -2.17 -6.90 -25.76
N GLY B 18 -1.62 -7.53 -24.71
CA GLY B 18 -1.18 -6.86 -23.48
C GLY B 18 -0.08 -5.85 -23.72
N GLY B 19 0.05 -4.89 -22.80
CA GLY B 19 1.05 -3.82 -22.85
C GLY B 19 1.47 -3.43 -21.44
N GLY B 20 1.14 -2.21 -21.00
CA GLY B 20 1.65 -1.64 -19.74
C GLY B 20 0.98 -2.24 -18.53
N THR B 21 -0.24 -1.77 -18.21
CA THR B 21 -1.01 -2.06 -16.97
C THR B 21 -1.68 -3.45 -17.04
N TYR B 22 -1.90 -4.00 -18.24
CA TYR B 22 -2.56 -5.32 -18.47
C TYR B 22 -1.50 -6.44 -18.47
N GLY B 23 -0.26 -6.07 -18.79
CA GLY B 23 0.92 -6.95 -18.77
C GLY B 23 1.02 -7.79 -20.04
N GLU B 24 0.80 -9.10 -19.90
CA GLU B 24 0.84 -10.10 -21.01
C GLU B 24 -0.54 -10.75 -21.11
N VAL B 25 -1.30 -10.38 -22.14
CA VAL B 25 -2.63 -10.96 -22.46
C VAL B 25 -2.61 -11.32 -23.95
N PHE B 26 -3.04 -12.53 -24.25
CA PHE B 26 -3.02 -13.12 -25.61
C PHE B 26 -4.46 -13.35 -26.06
N LYS B 27 -4.76 -12.95 -27.28
CA LYS B 27 -5.95 -13.45 -28.02
C LYS B 27 -5.62 -14.88 -28.45
N ALA B 28 -6.58 -15.80 -28.30
CA ALA B 28 -6.37 -17.25 -28.49
C ALA B 28 -7.68 -17.91 -28.89
N ARG B 29 -7.59 -18.95 -29.71
CA ARG B 29 -8.71 -19.84 -30.12
C ARG B 29 -8.65 -21.15 -29.32
N ASP B 30 -9.79 -21.56 -28.74
CA ASP B 30 -10.01 -22.85 -28.04
C ASP B 30 -10.05 -23.97 -29.09
N LYS B 31 -9.16 -24.97 -29.00
CA LYS B 31 -9.09 -26.07 -30.00
C LYS B 31 -10.37 -26.91 -29.99
N VAL B 32 -11.07 -27.00 -28.85
CA VAL B 32 -12.30 -27.82 -28.64
C VAL B 32 -13.55 -27.02 -29.06
N SER B 33 -13.79 -25.90 -28.38
CA SER B 33 -14.90 -24.94 -28.64
C SER B 33 -14.82 -24.37 -30.06
N GLY B 34 -13.60 -24.20 -30.61
CA GLY B 34 -13.35 -23.33 -31.78
C GLY B 34 -13.53 -21.86 -31.43
N ASP B 35 -13.79 -21.57 -30.15
CA ASP B 35 -14.18 -20.24 -29.62
C ASP B 35 -12.93 -19.40 -29.38
N LEU B 36 -13.11 -18.08 -29.30
CA LEU B 36 -12.07 -17.06 -29.03
C LEU B 36 -12.01 -16.79 -27.51
N VAL B 37 -10.81 -16.89 -26.94
CA VAL B 37 -10.58 -16.60 -25.50
C VAL B 37 -9.46 -15.57 -25.38
N ALA B 38 -9.46 -14.82 -24.28
CA ALA B 38 -8.29 -14.03 -23.83
C ALA B 38 -7.54 -14.87 -22.79
N LEU B 39 -6.27 -15.19 -23.04
CA LEU B 39 -5.35 -15.85 -22.07
C LEU B 39 -4.45 -14.78 -21.45
N LYS B 40 -4.61 -14.46 -20.16
CA LYS B 40 -3.69 -13.57 -19.41
C LYS B 40 -2.59 -14.42 -18.79
N MET B 41 -1.34 -14.26 -19.22
CA MET B 41 -0.17 -15.03 -18.70
C MET B 41 0.44 -14.30 -17.51
N VAL B 42 0.47 -14.95 -16.34
CA VAL B 42 1.10 -14.40 -15.09
C VAL B 42 2.50 -15.00 -14.96
N LYS B 43 3.53 -14.17 -14.75
CA LYS B 43 4.90 -14.62 -14.39
C LYS B 43 4.92 -14.95 -12.90
N MET B 44 5.54 -16.05 -12.49
CA MET B 44 5.55 -16.43 -11.05
C MET B 44 6.97 -16.71 -10.59
N GLU B 45 7.39 -15.99 -9.53
CA GLU B 45 8.74 -16.09 -8.91
C GLU B 45 8.74 -17.21 -7.87
N PRO B 46 9.91 -17.84 -7.61
CA PRO B 46 9.97 -18.95 -6.65
C PRO B 46 9.20 -18.67 -5.35
N ASP B 47 9.45 -17.53 -4.71
CA ASP B 47 8.95 -17.22 -3.33
C ASP B 47 7.52 -16.69 -3.39
N ASP B 48 6.96 -16.45 -4.59
CA ASP B 48 5.50 -16.29 -4.81
C ASP B 48 4.82 -17.58 -4.35
N ASP B 49 3.93 -17.49 -3.36
CA ASP B 49 3.23 -18.69 -2.85
C ASP B 49 1.98 -18.89 -3.73
N VAL B 50 1.86 -20.10 -4.25
CA VAL B 50 0.76 -20.57 -5.13
C VAL B 50 -0.52 -20.61 -4.29
N SER B 51 -0.46 -21.29 -3.15
CA SER B 51 -1.61 -21.64 -2.27
C SER B 51 -2.42 -20.38 -1.88
N THR B 52 -1.81 -19.20 -1.94
CA THR B 52 -2.42 -17.90 -1.53
C THR B 52 -3.26 -17.35 -2.67
N LEU B 53 -2.89 -17.63 -3.94
CA LEU B 53 -3.63 -17.23 -5.17
C LEU B 53 -4.88 -18.11 -5.35
N GLN B 54 -4.79 -19.41 -5.02
CA GLN B 54 -5.91 -20.38 -5.09
C GLN B 54 -7.13 -19.82 -4.33
N LYS B 55 -6.90 -19.06 -3.25
CA LYS B 55 -7.95 -18.36 -2.46
C LYS B 55 -8.60 -17.22 -3.27
N GLU B 56 -7.84 -16.55 -4.15
CA GLU B 56 -8.31 -15.41 -5.00
C GLU B 56 -8.92 -15.90 -6.32
N ILE B 57 -8.76 -17.20 -6.65
CA ILE B 57 -9.25 -17.81 -7.92
C ILE B 57 -10.72 -18.23 -7.74
N LEU B 58 -11.05 -18.78 -6.57
CA LEU B 58 -12.45 -19.10 -6.18
C LEU B 58 -13.32 -17.91 -6.58
N ILE B 59 -12.96 -16.72 -6.11
CA ILE B 59 -13.70 -15.42 -6.31
C ILE B 59 -13.99 -15.22 -7.81
N LEU B 60 -12.99 -15.49 -8.68
CA LEU B 60 -13.09 -15.29 -10.15
C LEU B 60 -14.04 -16.31 -10.75
N LYS B 61 -13.99 -17.56 -10.30
CA LYS B 61 -14.76 -18.69 -10.89
C LYS B 61 -16.25 -18.52 -10.59
N THR B 62 -16.60 -18.35 -9.30
CA THR B 62 -17.99 -18.23 -8.80
C THR B 62 -18.57 -16.84 -9.08
N CYS B 63 -17.88 -16.00 -9.88
CA CYS B 63 -18.43 -14.73 -10.47
C CYS B 63 -19.07 -15.05 -11.83
N ARG B 64 -20.39 -15.19 -11.84
CA ARG B 64 -21.21 -15.53 -13.03
C ARG B 64 -22.22 -14.40 -13.28
N HIS B 65 -21.89 -13.47 -14.18
CA HIS B 65 -22.81 -12.38 -14.64
C HIS B 65 -22.39 -11.96 -16.04
N ALA B 66 -23.36 -11.64 -16.89
CA ALA B 66 -23.15 -11.17 -18.27
C ALA B 66 -22.25 -9.93 -18.24
N ASN B 67 -22.40 -9.06 -17.24
CA ASN B 67 -21.71 -7.74 -17.21
C ASN B 67 -20.32 -7.87 -16.56
N ILE B 68 -19.86 -9.10 -16.29
CA ILE B 68 -18.49 -9.39 -15.75
C ILE B 68 -17.77 -10.33 -16.71
N VAL B 69 -16.48 -10.10 -16.93
CA VAL B 69 -15.65 -10.91 -17.87
C VAL B 69 -15.67 -12.35 -17.34
N ALA B 70 -16.23 -13.29 -18.11
CA ALA B 70 -16.47 -14.68 -17.66
C ALA B 70 -15.11 -15.39 -17.48
N TYR B 71 -14.92 -16.10 -16.38
CA TYR B 71 -13.74 -16.95 -16.08
C TYR B 71 -13.98 -18.36 -16.65
N HIS B 72 -12.98 -18.94 -17.33
CA HIS B 72 -13.11 -20.25 -17.98
C HIS B 72 -12.28 -21.31 -17.27
N GLY B 73 -11.08 -20.96 -16.83
CA GLY B 73 -10.21 -21.88 -16.09
C GLY B 73 -8.76 -21.43 -16.10
N SER B 74 -8.09 -21.57 -14.96
CA SER B 74 -6.66 -21.27 -14.76
C SER B 74 -5.82 -22.52 -15.04
N TYR B 75 -4.58 -22.29 -15.43
CA TYR B 75 -3.58 -23.32 -15.79
C TYR B 75 -2.23 -22.92 -15.19
N LEU B 76 -1.73 -23.73 -14.27
CA LEU B 76 -0.31 -23.68 -13.82
C LEU B 76 0.49 -24.57 -14.77
N TRP B 77 1.70 -24.15 -15.16
CA TRP B 77 2.61 -24.95 -16.04
C TRP B 77 3.91 -24.19 -16.29
N LEU B 78 5.04 -24.82 -15.93
CA LEU B 78 6.42 -24.35 -16.22
C LEU B 78 6.65 -22.99 -15.55
N GLN B 79 6.17 -22.84 -14.30
CA GLN B 79 6.31 -21.62 -13.45
C GLN B 79 5.55 -20.45 -14.09
N LYS B 80 4.38 -20.73 -14.67
CA LYS B 80 3.51 -19.71 -15.32
C LYS B 80 2.05 -20.10 -15.09
N LEU B 81 1.24 -19.10 -14.77
CA LEU B 81 -0.21 -19.24 -14.54
C LEU B 81 -0.95 -18.51 -15.66
N TRP B 82 -1.64 -19.26 -16.53
CA TRP B 82 -2.47 -18.74 -17.65
C TRP B 82 -3.94 -18.72 -17.23
N ILE B 83 -4.54 -17.53 -17.16
CA ILE B 83 -6.00 -17.34 -16.87
C ILE B 83 -6.74 -17.16 -18.19
N CYS B 84 -7.70 -18.06 -18.45
CA CYS B 84 -8.58 -18.05 -19.64
C CYS B 84 -9.86 -17.27 -19.32
N MET B 85 -10.25 -16.37 -20.23
CA MET B 85 -11.29 -15.34 -20.04
C MET B 85 -12.03 -15.04 -21.34
N GLU B 86 -13.32 -14.71 -21.19
CA GLU B 86 -14.15 -14.08 -22.25
C GLU B 86 -13.28 -13.08 -23.01
N PHE B 87 -13.29 -13.11 -24.34
CA PHE B 87 -12.61 -12.11 -25.20
C PHE B 87 -13.53 -10.92 -25.44
N CYS B 88 -12.95 -9.72 -25.41
CA CYS B 88 -13.62 -8.41 -25.65
C CYS B 88 -12.76 -7.65 -26.67
N GLY B 89 -13.23 -7.71 -27.94
CA GLY B 89 -12.44 -7.37 -29.15
C GLY B 89 -12.07 -5.90 -29.25
N ALA B 90 -12.86 -4.99 -28.66
CA ALA B 90 -12.62 -3.53 -28.74
C ALA B 90 -11.74 -3.06 -27.58
N GLY B 91 -11.09 -3.98 -26.88
CA GLY B 91 -10.31 -3.65 -25.67
C GLY B 91 -11.18 -2.90 -24.69
N SER B 92 -10.61 -1.87 -24.02
CA SER B 92 -11.26 -1.07 -22.95
C SER B 92 -11.83 0.24 -23.50
N LEU B 93 -12.75 0.85 -22.75
CA LEU B 93 -13.33 2.16 -23.09
C LEU B 93 -12.18 3.17 -23.28
N GLN B 94 -11.12 3.09 -22.49
CA GLN B 94 -9.97 4.00 -22.59
C GLN B 94 -9.30 3.81 -23.95
N ASP B 95 -9.04 2.58 -24.37
CA ASP B 95 -8.50 2.33 -25.73
C ASP B 95 -9.36 3.05 -26.76
N ILE B 96 -10.67 2.91 -26.59
CA ILE B 96 -11.69 3.46 -27.51
C ILE B 96 -11.56 5.00 -27.50
N TYR B 97 -11.79 5.67 -26.37
CA TYR B 97 -12.02 7.14 -26.34
C TYR B 97 -10.75 7.94 -26.65
N GLN B 98 -9.59 7.31 -26.53
CA GLN B 98 -8.29 7.94 -26.90
C GLN B 98 -8.22 8.08 -28.41
N VAL B 99 -8.97 7.27 -29.15
CA VAL B 99 -9.12 7.39 -30.64
C VAL B 99 -10.37 8.20 -30.99
N THR B 100 -11.53 7.86 -30.39
CA THR B 100 -12.85 8.41 -30.79
C THR B 100 -13.12 9.79 -30.18
N GLY B 101 -12.31 10.24 -29.24
CA GLY B 101 -12.67 11.40 -28.40
C GLY B 101 -13.79 11.06 -27.44
N SER B 102 -14.38 12.09 -26.83
CA SER B 102 -15.34 12.02 -25.71
C SER B 102 -16.51 11.14 -26.10
N LEU B 103 -17.07 10.41 -25.15
CA LEU B 103 -18.34 9.68 -25.36
C LEU B 103 -19.54 10.63 -25.22
N SER B 104 -20.70 10.30 -25.81
CA SER B 104 -21.96 11.10 -25.75
C SER B 104 -22.65 10.88 -24.41
N GLU B 105 -23.53 11.78 -23.99
CA GLU B 105 -24.28 11.60 -22.72
C GLU B 105 -24.99 10.24 -22.73
N LEU B 106 -25.49 9.75 -23.88
CA LEU B 106 -26.30 8.49 -23.94
C LEU B 106 -25.38 7.26 -24.00
N GLN B 107 -24.31 7.34 -24.77
CA GLN B 107 -23.25 6.31 -24.74
C GLN B 107 -22.81 6.07 -23.29
N ILE B 108 -22.47 7.13 -22.55
CA ILE B 108 -21.92 7.03 -21.16
C ILE B 108 -22.99 6.40 -20.28
N SER B 109 -24.25 6.77 -20.50
CA SER B 109 -25.41 6.28 -19.70
C SER B 109 -25.56 4.75 -19.83
N TYR B 110 -25.46 4.17 -21.01
CA TYR B 110 -25.60 2.70 -21.19
C TYR B 110 -24.43 2.00 -20.48
N VAL B 111 -23.22 2.55 -20.63
CA VAL B 111 -22.00 2.09 -19.91
C VAL B 111 -22.23 2.16 -18.39
N CYS B 112 -22.78 3.25 -17.89
CA CYS B 112 -23.09 3.41 -16.45
C CYS B 112 -24.12 2.38 -15.95
N ARG B 113 -24.98 1.86 -16.80
CA ARG B 113 -26.06 0.93 -16.34
C ARG B 113 -25.49 -0.49 -16.31
N GLU B 114 -24.66 -0.82 -17.31
CA GLU B 114 -24.08 -2.17 -17.51
C GLU B 114 -23.10 -2.43 -16.36
N VAL B 115 -22.22 -1.46 -16.11
CA VAL B 115 -21.31 -1.45 -14.94
C VAL B 115 -22.13 -1.64 -13.64
N LEU B 116 -23.15 -0.81 -13.38
CA LEU B 116 -23.96 -0.94 -12.14
C LEU B 116 -24.54 -2.35 -12.01
N GLN B 117 -24.98 -2.94 -13.14
CA GLN B 117 -25.52 -4.33 -13.25
C GLN B 117 -24.48 -5.33 -12.72
N GLY B 118 -23.22 -5.20 -13.18
CA GLY B 118 -22.05 -5.94 -12.67
C GLY B 118 -21.71 -5.66 -11.20
N LEU B 119 -21.62 -4.40 -10.79
CA LEU B 119 -21.34 -4.05 -9.38
C LEU B 119 -22.48 -4.60 -8.51
N ALA B 120 -23.74 -4.50 -8.94
CA ALA B 120 -24.88 -4.84 -8.06
C ALA B 120 -24.75 -6.32 -7.72
N TYR B 121 -24.25 -7.11 -8.68
CA TYR B 121 -24.11 -8.59 -8.58
C TYR B 121 -22.90 -8.91 -7.69
N LEU B 122 -21.74 -8.36 -8.05
CA LEU B 122 -20.50 -8.41 -7.22
C LEU B 122 -20.89 -8.15 -5.78
N HIS B 123 -21.46 -6.98 -5.49
CA HIS B 123 -21.77 -6.60 -4.09
C HIS B 123 -22.66 -7.69 -3.48
N SER B 124 -23.75 -8.11 -4.12
CA SER B 124 -24.64 -9.16 -3.57
C SER B 124 -23.80 -10.36 -3.09
N GLN B 125 -22.67 -10.66 -3.75
CA GLN B 125 -21.68 -11.71 -3.35
C GLN B 125 -20.69 -11.18 -2.28
N LYS B 126 -20.92 -9.98 -1.72
CA LYS B 126 -20.05 -9.28 -0.75
C LYS B 126 -18.62 -9.14 -1.30
N LYS B 127 -18.49 -8.89 -2.59
CA LYS B 127 -17.22 -8.63 -3.28
C LYS B 127 -17.16 -7.13 -3.61
N ILE B 128 -15.95 -6.56 -3.78
CA ILE B 128 -15.66 -5.13 -4.11
C ILE B 128 -14.58 -5.08 -5.19
N HIS B 129 -14.89 -4.45 -6.34
CA HIS B 129 -14.03 -4.43 -7.56
C HIS B 129 -12.68 -3.76 -7.22
N ARG B 130 -12.76 -2.57 -6.60
CA ARG B 130 -11.69 -1.70 -6.07
C ARG B 130 -11.04 -0.80 -7.13
N ASP B 131 -11.31 -1.05 -8.42
CA ASP B 131 -10.61 -0.38 -9.54
C ASP B 131 -11.54 -0.16 -10.74
N ILE B 132 -12.73 0.40 -10.49
CA ILE B 132 -13.57 0.96 -11.58
C ILE B 132 -12.89 2.20 -12.17
N LYS B 133 -12.53 2.08 -13.45
CA LYS B 133 -12.12 3.16 -14.37
C LYS B 133 -12.34 2.72 -15.83
N GLY B 134 -12.14 3.65 -16.76
CA GLY B 134 -12.21 3.36 -18.19
C GLY B 134 -11.32 2.19 -18.58
N ALA B 135 -10.13 2.08 -18.00
CA ALA B 135 -9.13 1.07 -18.43
C ALA B 135 -9.61 -0.36 -18.09
N ASN B 136 -10.59 -0.51 -17.18
CA ASN B 136 -11.03 -1.82 -16.67
C ASN B 136 -12.49 -2.08 -17.06
N ILE B 137 -13.06 -1.29 -17.97
CA ILE B 137 -14.40 -1.55 -18.60
C ILE B 137 -14.10 -1.92 -20.03
N LEU B 138 -14.36 -3.17 -20.42
CA LEU B 138 -14.03 -3.76 -21.74
C LEU B 138 -15.30 -3.87 -22.59
N ILE B 139 -15.11 -3.98 -23.90
CA ILE B 139 -16.20 -3.85 -24.90
C ILE B 139 -16.04 -4.99 -25.92
N ASN B 140 -17.09 -5.76 -26.21
CA ASN B 140 -17.03 -6.85 -27.23
C ASN B 140 -17.49 -6.29 -28.59
N ASP B 141 -17.20 -7.02 -29.65
CA ASP B 141 -17.52 -6.53 -31.02
C ASP B 141 -19.04 -6.30 -31.13
N ALA B 142 -19.86 -6.91 -30.28
CA ALA B 142 -21.31 -6.67 -30.15
C ALA B 142 -21.60 -5.32 -29.48
N GLY B 143 -20.59 -4.68 -28.89
CA GLY B 143 -20.77 -3.43 -28.12
C GLY B 143 -21.48 -3.67 -26.79
N GLU B 144 -21.33 -4.87 -26.23
CA GLU B 144 -21.74 -5.13 -24.83
C GLU B 144 -20.56 -4.82 -23.91
N VAL B 145 -20.90 -4.55 -22.64
CA VAL B 145 -19.97 -4.00 -21.61
C VAL B 145 -19.66 -5.10 -20.58
N ARG B 146 -18.39 -5.19 -20.16
CA ARG B 146 -17.84 -6.30 -19.34
C ARG B 146 -16.79 -5.71 -18.40
N LEU B 147 -17.05 -5.74 -17.08
CA LEU B 147 -16.07 -5.39 -16.01
C LEU B 147 -14.91 -6.39 -15.96
N ALA B 148 -13.68 -5.93 -16.14
CA ALA B 148 -12.49 -6.78 -15.96
C ALA B 148 -12.11 -6.73 -14.48
N ASP B 149 -12.20 -7.88 -13.79
CA ASP B 149 -11.63 -8.08 -12.43
C ASP B 149 -10.25 -8.75 -12.60
N PHE B 150 -9.27 -8.30 -11.80
CA PHE B 150 -7.88 -8.83 -11.78
C PHE B 150 -7.71 -9.56 -10.44
N GLY B 151 -6.74 -10.49 -10.33
CA GLY B 151 -6.52 -11.32 -9.12
C GLY B 151 -5.92 -12.68 -9.47
N LEU B 164 3.64 -4.47 -3.55
CA LEU B 164 2.84 -4.27 -2.31
C LEU B 164 3.73 -4.49 -1.08
N SER B 165 4.67 -5.45 -1.12
CA SER B 165 5.53 -5.83 0.02
C SER B 165 6.24 -4.59 0.60
N PHE B 166 6.24 -3.47 -0.13
CA PHE B 166 6.76 -2.15 0.30
C PHE B 166 5.61 -1.24 0.81
N ILE B 167 4.63 -1.83 1.51
CA ILE B 167 3.73 -1.15 2.49
C ILE B 167 4.37 -1.23 3.88
N GLY B 168 5.50 -1.94 3.97
CA GLY B 168 6.18 -2.38 5.20
C GLY B 168 6.39 -3.88 5.15
N THR B 169 7.19 -4.43 6.07
CA THR B 169 7.24 -5.89 6.35
C THR B 169 6.16 -6.17 7.41
N PRO B 170 5.34 -7.21 7.16
CA PRO B 170 4.20 -7.53 8.02
C PRO B 170 4.52 -8.12 9.40
N TYR B 171 5.68 -8.78 9.54
CA TYR B 171 6.07 -9.56 10.75
C TYR B 171 5.95 -8.71 12.02
N TRP B 172 6.36 -7.45 11.92
CA TRP B 172 6.22 -6.44 13.01
C TRP B 172 4.87 -5.70 12.96
N MET B 173 4.13 -5.65 11.86
CA MET B 173 2.80 -4.96 11.82
C MET B 173 1.85 -5.50 12.91
N ALA B 174 1.28 -4.65 13.77
CA ALA B 174 0.15 -5.00 14.69
C ALA B 174 -1.09 -5.46 13.92
N PRO B 175 -2.01 -6.27 14.50
CA PRO B 175 -3.01 -6.94 13.68
C PRO B 175 -3.96 -5.92 13.00
N GLU B 176 -4.46 -4.89 13.71
CA GLU B 176 -5.35 -3.85 13.13
C GLU B 176 -4.67 -3.26 11.87
N VAL B 177 -3.36 -3.01 11.93
CA VAL B 177 -2.54 -2.51 10.80
C VAL B 177 -2.58 -3.52 9.66
N ALA B 178 -2.48 -4.82 9.97
CA ALA B 178 -2.49 -5.90 8.95
C ALA B 178 -3.87 -5.98 8.30
N ALA B 179 -4.92 -5.70 9.07
CA ALA B 179 -6.34 -5.75 8.64
C ALA B 179 -6.54 -4.74 7.50
N VAL B 180 -5.86 -3.59 7.58
CA VAL B 180 -5.98 -2.52 6.54
C VAL B 180 -5.06 -2.87 5.37
N ALA B 181 -3.87 -3.42 5.57
CA ALA B 181 -2.97 -3.73 4.44
C ALA B 181 -3.68 -4.67 3.45
N LEU B 182 -4.56 -5.57 3.91
CA LEU B 182 -5.29 -6.50 3.01
C LEU B 182 -6.54 -5.80 2.50
N LYS B 183 -7.34 -5.23 3.41
CA LYS B 183 -8.70 -4.74 3.08
C LYS B 183 -8.67 -3.30 2.55
N GLY B 184 -7.63 -2.50 2.81
CA GLY B 184 -7.75 -1.03 2.67
C GLY B 184 -8.96 -0.55 3.46
N GLY B 185 -9.46 0.65 3.23
CA GLY B 185 -10.69 1.13 3.89
C GLY B 185 -11.87 0.95 2.96
N TYR B 186 -11.60 0.40 1.78
CA TYR B 186 -12.59 0.00 0.74
C TYR B 186 -13.88 -0.53 1.39
N ASN B 187 -14.99 -0.18 0.76
CA ASN B 187 -16.39 -0.46 1.19
C ASN B 187 -17.15 -0.67 -0.13
N GLU B 188 -18.21 -1.47 -0.16
CA GLU B 188 -18.96 -1.76 -1.42
C GLU B 188 -19.26 -0.44 -2.14
N LEU B 189 -19.52 0.65 -1.42
CA LEU B 189 -19.98 1.95 -1.98
C LEU B 189 -18.81 2.73 -2.55
N CYS B 190 -17.59 2.29 -2.34
CA CYS B 190 -16.43 3.01 -2.92
C CYS B 190 -16.42 2.74 -4.43
N ASP B 191 -16.96 1.60 -4.88
CA ASP B 191 -17.08 1.25 -6.33
C ASP B 191 -18.03 2.22 -7.06
N ILE B 192 -19.12 2.62 -6.41
CA ILE B 192 -20.07 3.67 -6.86
C ILE B 192 -19.32 4.99 -7.10
N TRP B 193 -18.70 5.55 -6.06
CA TRP B 193 -17.82 6.73 -6.27
C TRP B 193 -17.07 6.53 -7.58
N SER B 194 -16.20 5.52 -7.68
CA SER B 194 -15.29 5.36 -8.85
C SER B 194 -16.11 5.41 -10.11
N LEU B 195 -17.38 5.01 -10.09
CA LEU B 195 -18.12 5.01 -11.37
C LEU B 195 -18.30 6.49 -11.73
N GLY B 196 -18.90 7.31 -10.85
CA GLY B 196 -19.01 8.78 -11.01
C GLY B 196 -17.76 9.44 -11.63
N ILE B 197 -16.57 9.14 -11.12
CA ILE B 197 -15.30 9.66 -11.70
C ILE B 197 -15.19 9.14 -13.13
N THR B 198 -15.49 7.86 -13.32
CA THR B 198 -15.34 7.15 -14.62
C THR B 198 -16.26 7.81 -15.66
N ALA B 199 -17.47 8.21 -15.24
CA ALA B 199 -18.48 8.84 -16.11
C ALA B 199 -17.90 10.16 -16.62
N ILE B 200 -17.29 10.93 -15.70
CA ILE B 200 -16.56 12.18 -16.03
C ILE B 200 -15.42 11.83 -16.97
N GLU B 201 -14.69 10.75 -16.68
CA GLU B 201 -13.53 10.33 -17.50
C GLU B 201 -14.01 10.11 -18.93
N LEU B 202 -15.16 9.45 -19.06
CA LEU B 202 -15.72 9.16 -20.39
C LEU B 202 -16.11 10.50 -21.05
N ALA B 203 -16.65 11.44 -20.28
CA ALA B 203 -17.15 12.74 -20.80
C ALA B 203 -16.00 13.65 -21.22
N GLU B 204 -14.89 13.64 -20.49
CA GLU B 204 -13.86 14.72 -20.51
C GLU B 204 -12.49 14.21 -20.97
N LEU B 205 -12.24 12.91 -21.01
CA LEU B 205 -11.00 12.26 -21.56
C LEU B 205 -9.94 12.07 -20.48
N GLN B 206 -10.31 12.35 -19.24
CA GLN B 206 -9.40 12.40 -18.07
C GLN B 206 -10.29 12.62 -16.87
N PRO B 207 -9.91 12.06 -15.69
CA PRO B 207 -10.69 12.25 -14.47
C PRO B 207 -10.30 13.60 -13.89
N PRO B 208 -11.12 14.15 -12.98
CA PRO B 208 -10.74 15.33 -12.22
C PRO B 208 -9.31 15.17 -11.68
N LEU B 209 -8.57 16.28 -11.73
CA LEU B 209 -7.28 16.44 -11.03
C LEU B 209 -6.19 15.57 -11.69
N PHE B 210 -6.37 15.10 -12.94
CA PHE B 210 -5.32 14.30 -13.62
C PHE B 210 -3.98 15.08 -13.65
N ASP B 211 -4.04 16.42 -13.82
CA ASP B 211 -2.89 17.37 -14.02
C ASP B 211 -2.19 17.73 -12.69
N VAL B 212 -2.68 17.17 -11.58
CA VAL B 212 -2.26 17.33 -10.17
C VAL B 212 -1.52 16.07 -9.77
N HIS B 213 -0.38 16.20 -9.10
CA HIS B 213 0.35 15.07 -8.48
C HIS B 213 -0.64 14.20 -7.72
N PRO B 214 -0.50 12.86 -7.81
CA PRO B 214 -1.30 11.90 -7.04
C PRO B 214 -1.32 12.04 -5.51
N LEU B 215 -0.16 12.22 -4.90
CA LEU B 215 -0.06 12.42 -3.42
C LEU B 215 -0.92 13.63 -3.03
N ARG B 216 -0.80 14.73 -3.78
CA ARG B 216 -1.53 15.97 -3.50
C ARG B 216 -3.03 15.70 -3.64
N VAL B 217 -3.41 14.93 -4.63
CA VAL B 217 -4.85 14.57 -4.82
C VAL B 217 -5.31 13.76 -3.60
N LEU B 218 -4.42 12.91 -3.05
CA LEU B 218 -4.71 12.11 -1.83
C LEU B 218 -4.88 13.02 -0.60
N PHE B 219 -3.91 13.90 -0.31
CA PHE B 219 -4.05 14.91 0.77
C PHE B 219 -5.39 15.67 0.59
N LEU B 220 -5.60 16.22 -0.59
CA LEU B 220 -6.71 17.17 -0.84
C LEU B 220 -8.04 16.51 -0.49
N MET B 221 -8.21 15.23 -0.85
CA MET B 221 -9.45 14.44 -0.60
C MET B 221 -9.70 14.26 0.90
N THR B 222 -8.63 14.13 1.70
CA THR B 222 -8.67 13.88 3.17
C THR B 222 -8.79 15.18 3.95
N LYS B 223 -8.86 16.33 3.29
CA LYS B 223 -9.09 17.61 4.00
C LYS B 223 -10.58 17.69 4.33
N SER B 224 -10.89 18.28 5.48
CA SER B 224 -12.28 18.50 5.97
C SER B 224 -13.09 19.21 4.87
N GLY B 225 -12.48 20.19 4.18
CA GLY B 225 -13.15 21.09 3.22
C GLY B 225 -13.32 20.51 1.83
N TYR B 226 -12.72 19.35 1.52
CA TYR B 226 -12.72 18.73 0.17
C TYR B 226 -14.12 18.73 -0.46
N GLN B 227 -14.17 19.16 -1.73
CA GLN B 227 -15.39 19.33 -2.56
C GLN B 227 -15.44 18.24 -3.61
N PRO B 228 -16.47 17.35 -3.60
CA PRO B 228 -16.68 16.39 -4.68
C PRO B 228 -16.65 17.05 -6.04
N PRO B 229 -15.87 16.53 -7.00
CA PRO B 229 -15.73 17.15 -8.31
C PRO B 229 -16.98 17.00 -9.20
N ARG B 230 -16.95 17.72 -10.33
CA ARG B 230 -18.13 18.00 -11.18
C ARG B 230 -17.72 18.02 -12.65
N LEU B 231 -18.75 18.05 -13.51
CA LEU B 231 -18.59 18.19 -14.97
C LEU B 231 -18.23 19.66 -15.30
N LYS B 232 -17.20 19.86 -16.12
CA LYS B 232 -16.68 21.20 -16.52
C LYS B 232 -17.84 22.00 -17.05
N GLU B 233 -18.47 21.50 -18.10
CA GLU B 233 -19.40 22.26 -18.98
C GLU B 233 -20.84 22.00 -18.53
N LYS B 234 -21.51 22.99 -17.93
CA LYS B 234 -22.87 22.85 -17.35
C LYS B 234 -23.84 22.49 -18.47
N GLY B 235 -23.91 23.34 -19.49
CA GLY B 235 -24.95 23.31 -20.53
C GLY B 235 -24.89 22.04 -21.36
N LYS B 236 -23.69 21.50 -21.53
CA LYS B 236 -23.37 20.32 -22.39
C LYS B 236 -24.11 19.06 -21.96
N TRP B 237 -24.56 18.93 -20.70
CA TRP B 237 -25.16 17.69 -20.14
C TRP B 237 -26.52 18.01 -19.52
N SER B 238 -27.39 17.01 -19.42
CA SER B 238 -28.76 17.12 -18.84
C SER B 238 -28.61 17.35 -17.34
N ALA B 239 -29.73 17.71 -16.70
CA ALA B 239 -29.88 17.78 -15.23
C ALA B 239 -29.64 16.36 -14.67
N ALA B 240 -30.16 15.34 -15.37
CA ALA B 240 -29.97 13.92 -15.02
C ALA B 240 -28.48 13.66 -14.83
N PHE B 241 -27.63 13.86 -15.85
CA PHE B 241 -26.20 13.44 -15.82
C PHE B 241 -25.50 14.21 -14.70
N HIS B 242 -25.88 15.47 -14.54
CA HIS B 242 -25.40 16.32 -13.43
C HIS B 242 -25.78 15.63 -12.12
N ASN B 243 -27.02 15.18 -11.95
CA ASN B 243 -27.49 14.62 -10.64
C ASN B 243 -26.82 13.25 -10.38
N PHE B 244 -26.62 12.48 -11.43
CA PHE B 244 -25.87 11.20 -11.39
C PHE B 244 -24.47 11.43 -10.83
N ILE B 245 -23.73 12.44 -11.33
CA ILE B 245 -22.39 12.83 -10.80
C ILE B 245 -22.52 13.29 -9.35
N LYS B 246 -23.47 14.18 -9.04
CA LYS B 246 -23.64 14.75 -7.66
C LYS B 246 -23.81 13.62 -6.65
N VAL B 247 -24.64 12.65 -6.98
CA VAL B 247 -25.17 11.59 -6.08
C VAL B 247 -24.09 10.50 -5.90
N THR B 248 -23.52 9.99 -7.00
CA THR B 248 -22.46 8.92 -7.01
C THR B 248 -21.25 9.40 -6.23
N LEU B 249 -20.82 10.64 -6.46
CA LEU B 249 -19.70 11.28 -5.73
C LEU B 249 -20.24 11.98 -4.47
N THR B 250 -21.08 11.31 -3.65
CA THR B 250 -21.39 11.75 -2.26
C THR B 250 -20.15 11.52 -1.40
N LYS B 251 -19.72 12.51 -0.62
CA LYS B 251 -18.45 12.45 0.16
C LYS B 251 -18.55 11.31 1.17
N SER B 252 -19.63 11.30 1.96
CA SER B 252 -19.87 10.40 3.11
C SER B 252 -20.37 9.03 2.63
N PRO B 253 -19.63 7.91 2.79
CA PRO B 253 -20.11 6.62 2.30
C PRO B 253 -21.39 6.18 3.03
N LYS B 254 -21.61 6.72 4.23
CA LYS B 254 -22.85 6.51 5.01
C LYS B 254 -24.06 7.00 4.20
N LYS B 255 -23.88 7.94 3.26
CA LYS B 255 -24.95 8.62 2.47
C LYS B 255 -24.88 8.29 0.96
N ARG B 256 -23.83 7.62 0.50
CA ARG B 256 -23.64 7.31 -0.95
C ARG B 256 -24.53 6.14 -1.34
N PRO B 257 -25.37 6.26 -2.37
CA PRO B 257 -26.32 5.21 -2.72
C PRO B 257 -25.67 3.93 -3.27
N SER B 258 -26.26 2.77 -2.98
CA SER B 258 -25.90 1.45 -3.53
C SER B 258 -26.21 1.37 -5.02
N ALA B 259 -25.64 0.35 -5.65
CA ALA B 259 -25.70 0.09 -7.10
C ALA B 259 -27.15 -0.23 -7.49
N THR B 260 -27.88 -0.98 -6.67
CA THR B 260 -29.32 -1.18 -6.90
C THR B 260 -29.97 0.20 -6.92
N LYS B 261 -29.78 0.97 -5.87
CA LYS B 261 -30.43 2.31 -5.81
C LYS B 261 -30.07 3.08 -7.09
N MET B 262 -28.81 3.01 -7.54
CA MET B 262 -28.35 3.77 -8.74
C MET B 262 -29.00 3.25 -10.03
N LEU B 263 -29.30 1.94 -10.12
CA LEU B 263 -30.02 1.36 -11.30
C LEU B 263 -31.42 1.98 -11.44
N SER B 264 -31.99 2.57 -10.37
CA SER B 264 -33.28 3.31 -10.41
C SER B 264 -33.07 4.82 -10.56
N HIS B 265 -31.85 5.25 -10.87
CA HIS B 265 -31.63 6.66 -11.27
C HIS B 265 -32.15 6.83 -12.68
N GLN B 266 -32.60 8.04 -13.00
CA GLN B 266 -33.19 8.42 -14.32
C GLN B 266 -32.13 8.34 -15.42
N LEU B 267 -30.85 8.54 -15.12
CA LEU B 267 -29.82 8.53 -16.18
C LEU B 267 -29.69 7.12 -16.77
N VAL B 268 -29.89 6.08 -15.95
CA VAL B 268 -29.59 4.66 -16.34
C VAL B 268 -30.90 3.89 -16.59
N SER B 269 -32.02 4.38 -16.05
CA SER B 269 -33.34 3.71 -16.15
C SER B 269 -34.13 4.20 -17.36
N GLN B 270 -33.61 5.19 -18.10
CA GLN B 270 -34.35 5.78 -19.26
C GLN B 270 -34.37 4.74 -20.39
N PRO B 271 -35.31 4.84 -21.35
CA PRO B 271 -35.29 3.94 -22.50
C PRO B 271 -34.23 4.37 -23.52
N GLY B 272 -34.07 3.58 -24.58
CA GLY B 272 -33.15 3.88 -25.70
C GLY B 272 -31.71 3.59 -25.33
N LEU B 273 -31.44 3.05 -24.13
CA LEU B 273 -30.06 2.60 -23.76
C LEU B 273 -29.91 1.15 -24.15
N ASN B 274 -28.89 0.86 -24.96
CA ASN B 274 -28.63 -0.49 -25.51
C ASN B 274 -27.37 -0.44 -26.38
N ARG B 275 -26.94 -1.59 -26.86
CA ARG B 275 -25.58 -1.82 -27.42
C ARG B 275 -25.34 -1.07 -28.73
N GLY B 276 -26.39 -0.68 -29.46
CA GLY B 276 -26.30 0.16 -30.69
C GLY B 276 -25.46 1.43 -30.48
N LEU B 277 -25.72 2.15 -29.39
CA LEU B 277 -24.96 3.36 -28.97
C LEU B 277 -23.45 3.10 -29.05
N ILE B 278 -22.98 1.90 -28.63
CA ILE B 278 -21.54 1.50 -28.65
C ILE B 278 -21.11 1.05 -30.06
N LEU B 279 -21.97 0.31 -30.78
CA LEU B 279 -21.63 -0.13 -32.14
C LEU B 279 -21.32 1.13 -32.95
N ASP B 280 -22.14 2.16 -32.79
CA ASP B 280 -21.83 3.55 -33.23
C ASP B 280 -20.38 3.88 -32.87
N LEU B 281 -20.07 3.80 -31.58
CA LEU B 281 -18.72 4.12 -31.06
C LEU B 281 -17.66 3.30 -31.80
N LEU B 282 -17.90 2.00 -31.98
CA LEU B 282 -16.90 1.06 -32.57
C LEU B 282 -16.78 1.35 -34.07
N ASP B 283 -17.83 1.93 -34.67
CA ASP B 283 -17.82 2.37 -36.10
C ASP B 283 -16.94 3.60 -36.11
N LYS B 284 -17.21 4.55 -35.21
CA LYS B 284 -16.48 5.83 -35.14
C LYS B 284 -14.98 5.53 -35.12
N LEU B 285 -14.57 4.46 -34.42
CA LEU B 285 -13.18 3.91 -34.30
C LEU B 285 -12.61 3.46 -35.65
N LYS B 286 -13.34 2.70 -36.45
CA LYS B 286 -12.88 2.34 -37.82
C LYS B 286 -12.77 3.61 -38.69
N ASN B 287 -13.80 4.47 -38.73
CA ASN B 287 -13.98 5.57 -39.72
C ASN B 287 -13.80 6.95 -39.06
N PRO B 288 -12.55 7.43 -38.83
CA PRO B 288 -12.33 8.75 -38.22
C PRO B 288 -12.69 9.93 -39.15
#